data_6G3I
#
_entry.id   6G3I
#
_cell.length_a   145.482
_cell.length_b   146.436
_cell.length_c   152.824
_cell.angle_alpha   90.00
_cell.angle_beta   90.00
_cell.angle_gamma   90.00
#
_symmetry.space_group_name_H-M   'F 2 2 2'
#
loop_
_entity.id
_entity.type
_entity.pdbx_description
1 polymer 'Argininosuccinate lyase'
2 non-polymer '(2~{S})-2-(2-azanylethylamino)butanedioic acid'
3 non-polymer 'FUMARIC ACID'
4 water water
#
_entity_poly.entity_id   1
_entity_poly.type   'polypeptide(L)'
_entity_poly.pdbx_seq_one_letter_code
;MNINVPDATRIGRATGAKAPEFQELYDFDAAALTLTSAVFPYDSQIHRAHVVMLTEQGILTVEESATILSGLAQVDELAA
TDGSLRTYLPYEAALKRTIGSVAGKMHIGRSRNDLANAGKRMFLRDQLLRTIEAVIGYREAVVHKAADHLDTVMVVYTQR
KEAQPITLGHYLMAISENLAKNLDRYRELYARINLCPLGAAATAGTGWPLNRDRTSALLGFDGLVVNSIEGVAGWDHVAE
HAFVNAVFLSGLSRLASEIQLWSTDEYQVAELDASFAGTSSIMPQKKNPDSLERSRKAAFAAMGPLVGILTSLNAIEYQY
SAARVELEPRSIDALIAATHAMTGVVRTLHPNKERMRQYAAENYSTMTDLTDMLVRRVGIDYREAHEIVAHVVITAIEKG
IKANKIGLDLVQEAAVAQTGAGINVSADDIKDALDPWQNVLRREGKGMPAPMSVKASIDDAMAELHKDRAWLANATQALA
NAKQTLADSVQQIIQTDRKYLRHHHHHH
;
_entity_poly.pdbx_strand_id   A
#
# COMPACT_ATOMS: atom_id res chain seq x y z
N VAL A 5 12.12 -15.02 29.03
CA VAL A 5 13.03 -13.97 28.55
C VAL A 5 12.23 -12.88 27.84
N PRO A 6 12.28 -11.65 28.33
CA PRO A 6 11.54 -10.55 27.70
C PRO A 6 12.25 -10.02 26.47
N ASP A 7 11.60 -9.07 25.80
CA ASP A 7 12.23 -8.32 24.73
C ASP A 7 13.29 -7.40 25.33
N ALA A 8 14.56 -7.70 25.07
CA ALA A 8 15.64 -6.98 25.73
C ALA A 8 15.75 -5.52 25.29
N THR A 9 15.04 -5.12 24.23
CA THR A 9 15.06 -3.73 23.79
C THR A 9 14.06 -2.87 24.55
N ARG A 10 13.12 -3.48 25.28
CA ARG A 10 12.12 -2.72 26.03
C ARG A 10 12.72 -2.36 27.39
N ILE A 11 13.58 -1.34 27.36
CA ILE A 11 14.24 -0.82 28.55
C ILE A 11 14.05 0.69 28.55
N GLY A 12 14.40 1.32 29.67
CA GLY A 12 14.28 2.76 29.79
C GLY A 12 12.90 3.24 29.40
N ARG A 13 12.86 4.23 28.49
CA ARG A 13 11.60 4.81 28.05
C ARG A 13 10.85 3.94 27.06
N ALA A 14 11.41 2.79 26.65
CA ALA A 14 10.72 1.86 25.78
C ALA A 14 9.89 0.92 26.67
N THR A 15 8.77 1.45 27.15
CA THR A 15 7.95 0.77 28.12
C THR A 15 6.95 -0.16 27.45
N GLY A 16 6.57 -1.21 28.16
CA GLY A 16 5.68 -2.21 27.59
C GLY A 16 6.35 -2.98 26.47
N ALA A 17 5.52 -3.65 25.69
CA ALA A 17 5.99 -4.48 24.59
C ALA A 17 5.79 -3.76 23.26
N LYS A 18 6.63 -4.12 22.28
CA LYS A 18 6.38 -3.70 20.91
C LYS A 18 4.96 -4.06 20.53
N ALA A 19 4.26 -3.12 19.90
CA ALA A 19 2.98 -3.47 19.31
C ALA A 19 3.22 -4.55 18.25
N PRO A 20 2.27 -5.49 18.07
CA PRO A 20 2.50 -6.55 17.09
C PRO A 20 2.84 -6.02 15.70
N GLU A 21 2.14 -4.97 15.25
CA GLU A 21 2.43 -4.38 13.95
C GLU A 21 3.86 -3.85 13.89
N PHE A 22 4.33 -3.27 15.00
CA PHE A 22 5.71 -2.81 15.08
C PHE A 22 6.69 -3.98 15.01
N GLN A 23 6.32 -5.10 15.64
CA GLN A 23 7.19 -6.29 15.64
C GLN A 23 7.33 -6.88 14.24
N GLU A 24 6.27 -6.80 13.42
CA GLU A 24 6.35 -7.33 12.05
C GLU A 24 7.58 -6.81 11.32
N LEU A 25 7.91 -5.53 11.51
CA LEU A 25 9.06 -4.94 10.83
C LEU A 25 10.36 -5.65 11.16
N TYR A 26 10.43 -6.35 12.29
CA TYR A 26 11.63 -7.07 12.69
C TYR A 26 11.63 -8.53 12.25
N ASP A 27 10.48 -9.07 11.84
CA ASP A 27 10.34 -10.50 11.59
C ASP A 27 10.27 -10.87 10.13
N PHE A 28 9.86 -9.97 9.24
CA PHE A 28 9.53 -10.37 7.88
C PHE A 28 10.74 -10.85 7.11
N ASP A 29 11.92 -10.28 7.35
CA ASP A 29 13.09 -10.63 6.55
C ASP A 29 13.47 -12.09 6.75
N ALA A 30 13.61 -12.51 8.01
CA ALA A 30 14.04 -13.87 8.30
C ALA A 30 12.96 -14.89 8.01
N ALA A 31 11.70 -14.48 7.94
CA ALA A 31 10.59 -15.42 7.78
C ALA A 31 10.11 -15.55 6.34
N ALA A 32 10.56 -14.70 5.43
CA ALA A 32 10.05 -14.71 4.07
C ALA A 32 10.44 -15.99 3.34
N LEU A 33 9.51 -16.50 2.55
CA LEU A 33 9.78 -17.65 1.71
C LEU A 33 10.67 -17.26 0.53
N THR A 34 11.38 -18.25 -0.01
CA THR A 34 11.95 -18.09 -1.33
C THR A 34 10.82 -18.14 -2.36
N LEU A 35 11.10 -17.63 -3.57
CA LEU A 35 10.09 -17.67 -4.61
C LEU A 35 9.69 -19.12 -4.92
N THR A 36 10.67 -20.02 -4.99
CA THR A 36 10.36 -21.43 -5.21
C THR A 36 9.41 -21.96 -4.15
N SER A 37 9.72 -21.72 -2.88
CA SER A 37 8.89 -22.24 -1.81
C SER A 37 7.49 -21.65 -1.82
N ALA A 38 7.37 -20.38 -2.24
CA ALA A 38 6.07 -19.72 -2.22
C ALA A 38 5.19 -20.10 -3.41
N VAL A 39 5.78 -20.58 -4.51
CA VAL A 39 5.04 -20.80 -5.75
C VAL A 39 4.66 -22.26 -5.90
N PHE A 40 5.41 -23.16 -5.28
CA PHE A 40 5.27 -24.58 -5.62
C PHE A 40 3.92 -25.15 -5.21
N PRO A 41 3.24 -24.60 -4.21
CA PRO A 41 1.86 -25.06 -3.98
C PRO A 41 0.92 -24.70 -5.11
N TYR A 42 1.16 -23.58 -5.79
CA TYR A 42 0.32 -23.22 -6.94
C TYR A 42 0.60 -24.11 -8.14
N ASP A 43 1.83 -24.62 -8.28
CA ASP A 43 2.12 -25.57 -9.34
C ASP A 43 1.29 -26.84 -9.20
N SER A 44 1.15 -27.34 -7.98
CA SER A 44 0.35 -28.55 -7.75
C SER A 44 -1.11 -28.31 -8.13
N GLN A 45 -1.62 -27.10 -7.89
CA GLN A 45 -2.96 -26.76 -8.34
C GLN A 45 -3.05 -26.79 -9.86
N ILE A 46 -2.02 -26.29 -10.54
CA ILE A 46 -2.04 -26.29 -12.01
C ILE A 46 -1.98 -27.72 -12.53
N HIS A 47 -1.21 -28.59 -11.87
CA HIS A 47 -1.18 -29.99 -12.26
C HIS A 47 -2.57 -30.60 -12.21
N ARG A 48 -3.27 -30.45 -11.08
CA ARG A 48 -4.61 -31.00 -10.96
C ARG A 48 -5.54 -30.44 -12.03
N ALA A 49 -5.62 -29.11 -12.13
CA ALA A 49 -6.50 -28.50 -13.12
C ALA A 49 -6.09 -28.88 -14.54
N HIS A 50 -4.80 -29.10 -14.78
CA HIS A 50 -4.35 -29.39 -16.14
C HIS A 50 -4.67 -30.82 -16.56
N VAL A 51 -4.51 -31.80 -15.66
CA VAL A 51 -4.84 -33.17 -16.07
C VAL A 51 -6.35 -33.36 -16.06
N VAL A 52 -7.09 -32.68 -15.18
CA VAL A 52 -8.54 -32.70 -15.27
C VAL A 52 -8.98 -32.30 -16.68
N MET A 53 -8.43 -31.17 -17.15
CA MET A 53 -8.75 -30.72 -18.50
C MET A 53 -8.31 -31.75 -19.54
N LEU A 54 -7.10 -32.32 -19.37
CA LEU A 54 -6.66 -33.39 -20.26
C LEU A 54 -7.67 -34.53 -20.29
N THR A 55 -8.25 -34.86 -19.14
CA THR A 55 -9.20 -35.95 -19.07
C THR A 55 -10.49 -35.59 -19.80
N GLU A 56 -11.08 -34.45 -19.47
CA GLU A 56 -12.30 -34.01 -20.14
C GLU A 56 -12.13 -33.89 -21.65
N GLN A 57 -10.90 -33.81 -22.12
CA GLN A 57 -10.63 -33.71 -23.53
C GLN A 57 -10.28 -35.06 -24.15
N GLY A 58 -10.32 -36.11 -23.37
CA GLY A 58 -10.02 -37.43 -23.89
C GLY A 58 -8.57 -37.64 -24.24
N ILE A 59 -7.67 -36.78 -23.74
CA ILE A 59 -6.24 -37.02 -23.91
C ILE A 59 -5.73 -38.03 -22.89
N LEU A 60 -6.30 -38.01 -21.69
CA LEU A 60 -6.03 -39.02 -20.67
C LEU A 60 -7.28 -39.85 -20.44
N THR A 61 -7.09 -41.14 -20.19
CA THR A 61 -8.20 -41.96 -19.74
C THR A 61 -8.45 -41.71 -18.26
N VAL A 62 -9.65 -42.07 -17.81
CA VAL A 62 -10.00 -41.85 -16.41
C VAL A 62 -9.07 -42.63 -15.50
N GLU A 63 -8.67 -43.83 -15.93
CA GLU A 63 -7.69 -44.60 -15.16
C GLU A 63 -6.39 -43.82 -15.01
N GLU A 64 -5.81 -43.39 -16.13
CA GLU A 64 -4.61 -42.57 -16.09
C GLU A 64 -4.81 -41.33 -15.23
N SER A 65 -5.95 -40.66 -15.38
CA SER A 65 -6.23 -39.44 -14.63
C SER A 65 -6.19 -39.70 -13.13
N ALA A 66 -7.01 -40.63 -12.66
CA ALA A 66 -7.08 -40.89 -11.22
C ALA A 66 -5.74 -41.32 -10.66
N THR A 67 -5.00 -42.14 -11.41
CA THR A 67 -3.67 -42.55 -10.96
C THR A 67 -2.78 -41.33 -10.75
N ILE A 68 -2.76 -40.41 -11.71
CA ILE A 68 -1.98 -39.19 -11.58
C ILE A 68 -2.49 -38.36 -10.40
N LEU A 69 -3.78 -38.03 -10.42
CA LEU A 69 -4.33 -37.15 -9.39
C LEU A 69 -4.01 -37.65 -7.99
N SER A 70 -4.25 -38.94 -7.73
CA SER A 70 -3.93 -39.48 -6.42
C SER A 70 -2.43 -39.45 -6.14
N GLY A 71 -1.61 -39.59 -7.19
CA GLY A 71 -0.18 -39.49 -7.00
C GLY A 71 0.25 -38.09 -6.59
N LEU A 72 -0.36 -37.06 -7.18
CA LEU A 72 -0.03 -35.69 -6.82
C LEU A 72 -0.18 -35.45 -5.33
N ALA A 73 -1.28 -35.93 -4.76
CA ALA A 73 -1.49 -35.79 -3.32
C ALA A 73 -0.32 -36.37 -2.53
N GLN A 74 0.18 -37.54 -2.96
CA GLN A 74 1.30 -38.16 -2.24
C GLN A 74 2.57 -37.32 -2.37
N VAL A 75 2.87 -36.83 -3.58
CA VAL A 75 4.10 -36.08 -3.79
C VAL A 75 4.03 -34.73 -3.11
N ASP A 76 2.88 -34.05 -3.18
CA ASP A 76 2.68 -32.83 -2.41
C ASP A 76 3.08 -33.04 -0.95
N GLU A 77 2.72 -34.20 -0.39
CA GLU A 77 3.07 -34.51 0.99
C GLU A 77 4.57 -34.72 1.14
N LEU A 78 5.21 -35.43 0.21
CA LEU A 78 6.66 -35.56 0.23
C LEU A 78 7.33 -34.20 0.11
N ALA A 79 6.76 -33.31 -0.72
CA ALA A 79 7.37 -32.00 -0.95
C ALA A 79 7.25 -31.08 0.25
N ALA A 80 6.29 -31.34 1.15
CA ALA A 80 6.18 -30.52 2.36
C ALA A 80 7.47 -30.54 3.17
N THR A 81 8.25 -31.61 3.06
CA THR A 81 9.51 -31.74 3.79
C THR A 81 10.72 -31.88 2.89
N ASP A 82 10.57 -32.43 1.68
CA ASP A 82 11.67 -32.54 0.73
C ASP A 82 11.71 -31.28 -0.12
N GLY A 83 12.71 -30.43 0.10
CA GLY A 83 12.80 -29.18 -0.64
C GLY A 83 13.06 -29.39 -2.12
N SER A 84 13.76 -30.47 -2.48
CA SER A 84 14.15 -30.69 -3.87
C SER A 84 12.96 -30.97 -4.78
N LEU A 85 11.79 -31.28 -4.24
CA LEU A 85 10.62 -31.59 -5.04
C LEU A 85 9.77 -30.37 -5.35
N ARG A 86 10.32 -29.17 -5.19
CA ARG A 86 9.58 -27.93 -5.38
C ARG A 86 9.90 -27.23 -6.69
N THR A 87 10.62 -27.89 -7.59
CA THR A 87 10.73 -27.46 -8.98
C THR A 87 10.23 -28.59 -9.87
N TYR A 88 9.85 -28.24 -11.09
CA TYR A 88 8.96 -29.11 -11.85
C TYR A 88 9.56 -30.50 -12.06
N LEU A 89 10.73 -30.56 -12.70
CA LEU A 89 11.20 -31.85 -13.18
C LEU A 89 11.53 -32.79 -12.04
N PRO A 90 12.17 -32.33 -10.96
CA PRO A 90 12.28 -33.19 -9.77
C PRO A 90 10.92 -33.67 -9.28
N TYR A 91 9.91 -32.79 -9.28
CA TYR A 91 8.57 -33.19 -8.87
C TYR A 91 8.01 -34.24 -9.81
N GLU A 92 8.14 -34.01 -11.12
CA GLU A 92 7.66 -35.01 -12.09
C GLU A 92 8.36 -36.35 -11.89
N ALA A 93 9.66 -36.33 -11.61
CA ALA A 93 10.40 -37.56 -11.41
C ALA A 93 9.92 -38.30 -10.18
N ALA A 94 9.62 -37.58 -9.09
CA ALA A 94 9.11 -38.22 -7.89
C ALA A 94 7.74 -38.83 -8.14
N LEU A 95 6.91 -38.17 -8.96
CA LEU A 95 5.64 -38.76 -9.35
C LEU A 95 5.86 -40.04 -10.15
N LYS A 96 6.92 -40.05 -10.97
CA LYS A 96 7.25 -41.25 -11.73
C LYS A 96 7.62 -42.41 -10.80
N ARG A 97 8.36 -42.11 -9.73
CA ARG A 97 8.74 -43.12 -8.75
C ARG A 97 7.57 -43.60 -7.91
N THR A 98 6.44 -42.89 -7.95
CA THR A 98 5.32 -43.15 -7.06
C THR A 98 4.14 -43.82 -7.74
N ILE A 99 3.90 -43.53 -9.01
CA ILE A 99 2.75 -44.07 -9.73
C ILE A 99 3.13 -44.69 -11.07
N GLY A 100 4.39 -44.67 -11.46
CA GLY A 100 4.83 -45.30 -12.68
C GLY A 100 5.00 -44.31 -13.82
N SER A 101 5.20 -44.88 -15.01
CA SER A 101 5.49 -44.08 -16.20
C SER A 101 4.34 -43.15 -16.56
N VAL A 102 3.11 -43.44 -16.11
CA VAL A 102 1.97 -42.60 -16.48
C VAL A 102 2.19 -41.17 -16.01
N ALA A 103 2.98 -40.98 -14.94
CA ALA A 103 3.30 -39.64 -14.46
C ALA A 103 3.70 -38.71 -15.60
N GLY A 104 4.53 -39.21 -16.53
CA GLY A 104 4.99 -38.38 -17.63
C GLY A 104 3.86 -37.72 -18.39
N LYS A 105 2.69 -38.35 -18.44
CA LYS A 105 1.60 -37.85 -19.26
C LYS A 105 0.95 -36.58 -18.72
N MET A 106 1.26 -36.17 -17.49
CA MET A 106 0.69 -34.92 -16.99
C MET A 106 1.26 -33.69 -17.69
N HIS A 107 2.34 -33.86 -18.45
CA HIS A 107 3.01 -32.76 -19.14
C HIS A 107 2.59 -32.65 -20.60
N ILE A 108 1.64 -33.46 -21.06
CA ILE A 108 1.16 -33.37 -22.44
C ILE A 108 0.64 -31.97 -22.71
N GLY A 109 1.05 -31.40 -23.83
CA GLY A 109 0.56 -30.09 -24.24
C GLY A 109 0.94 -28.97 -23.30
N ARG A 110 2.08 -29.07 -22.63
CA ARG A 110 2.44 -28.13 -21.57
C ARG A 110 3.95 -28.04 -21.47
N SER A 111 4.42 -26.94 -20.90
CA SER A 111 5.84 -26.66 -20.75
C SER A 111 6.09 -26.15 -19.35
N ARG A 112 7.37 -26.13 -18.95
CA ARG A 112 7.73 -25.42 -17.74
C ARG A 112 7.49 -23.92 -17.89
N ASN A 113 7.53 -23.42 -19.13
CA ASN A 113 7.46 -21.99 -19.37
C ASN A 113 6.08 -21.43 -19.02
N ASP A 114 5.02 -22.03 -19.53
CA ASP A 114 3.67 -21.56 -19.19
C ASP A 114 3.22 -22.04 -17.81
N LEU A 115 3.76 -23.15 -17.33
CA LEU A 115 3.53 -23.54 -15.94
C LEU A 115 4.05 -22.48 -14.99
N ALA A 116 5.29 -22.04 -15.20
CA ALA A 116 5.89 -21.04 -14.32
C ALA A 116 5.11 -19.72 -14.40
N ASN A 117 4.85 -19.24 -15.62
CA ASN A 117 4.15 -17.97 -15.78
C ASN A 117 2.80 -18.00 -15.05
N ALA A 118 2.06 -19.10 -15.20
CA ALA A 118 0.75 -19.19 -14.55
C ALA A 118 0.89 -19.31 -13.04
N GLY A 119 1.80 -20.17 -12.58
CA GLY A 119 1.97 -20.34 -11.14
C GLY A 119 2.41 -19.07 -10.45
N LYS A 120 3.36 -18.35 -11.03
CA LYS A 120 3.80 -17.08 -10.44
C LYS A 120 2.67 -16.05 -10.46
N ARG A 121 1.87 -16.04 -11.52
CA ARG A 121 0.68 -15.18 -11.54
C ARG A 121 -0.24 -15.50 -10.38
N MET A 122 -0.49 -16.79 -10.13
CA MET A 122 -1.35 -17.18 -9.02
C MET A 122 -0.79 -16.70 -7.69
N PHE A 123 0.53 -16.81 -7.50
CA PHE A 123 1.15 -16.32 -6.28
C PHE A 123 0.98 -14.81 -6.13
N LEU A 124 1.34 -14.05 -7.18
CA LEU A 124 1.17 -12.60 -7.13
C LEU A 124 -0.30 -12.23 -6.97
N ARG A 125 -1.19 -13.00 -7.61
CA ARG A 125 -2.62 -12.77 -7.45
C ARG A 125 -3.01 -12.75 -5.99
N ASP A 126 -2.64 -13.80 -5.24
CA ASP A 126 -2.99 -13.86 -3.83
C ASP A 126 -2.28 -12.76 -3.04
N GLN A 127 -1.01 -12.50 -3.34
CA GLN A 127 -0.30 -11.44 -2.65
C GLN A 127 -0.89 -10.07 -2.96
N LEU A 128 -1.57 -9.93 -4.10
CA LEU A 128 -2.18 -8.65 -4.43
C LEU A 128 -3.39 -8.37 -3.53
N LEU A 129 -4.25 -9.37 -3.35
CA LEU A 129 -5.39 -9.21 -2.44
C LEU A 129 -4.90 -9.03 -1.01
N ARG A 130 -3.88 -9.77 -0.61
CA ARG A 130 -3.26 -9.54 0.70
C ARG A 130 -2.84 -8.09 0.85
N THR A 131 -2.34 -7.48 -0.24
CA THR A 131 -1.91 -6.09 -0.21
C THR A 131 -3.12 -5.15 -0.16
N ILE A 132 -4.10 -5.40 -1.03
CA ILE A 132 -5.30 -4.57 -1.04
C ILE A 132 -5.98 -4.61 0.32
N GLU A 133 -5.99 -5.78 0.96
CA GLU A 133 -6.52 -5.88 2.32
C GLU A 133 -5.73 -4.98 3.26
N ALA A 134 -4.40 -4.99 3.17
CA ALA A 134 -3.59 -4.18 4.07
C ALA A 134 -3.75 -2.70 3.80
N VAL A 135 -3.88 -2.32 2.52
CA VAL A 135 -4.05 -0.91 2.19
C VAL A 135 -5.44 -0.42 2.63
N ILE A 136 -6.45 -1.30 2.57
CA ILE A 136 -7.76 -0.93 3.07
C ILE A 136 -7.69 -0.66 4.57
N GLY A 137 -7.11 -1.58 5.33
CA GLY A 137 -6.95 -1.37 6.76
C GLY A 137 -6.15 -0.13 7.08
N TYR A 138 -5.16 0.18 6.22
CA TYR A 138 -4.41 1.43 6.35
C TYR A 138 -5.32 2.64 6.16
N ARG A 139 -6.15 2.60 5.12
CA ARG A 139 -7.07 3.71 4.88
C ARG A 139 -8.13 3.80 5.96
N GLU A 140 -8.65 2.65 6.41
CA GLU A 140 -9.64 2.67 7.49
C GLU A 140 -9.10 3.39 8.72
N ALA A 141 -7.93 2.99 9.20
CA ALA A 141 -7.35 3.64 10.37
C ALA A 141 -7.12 5.12 10.12
N VAL A 142 -6.80 5.51 8.88
CA VAL A 142 -6.55 6.90 8.57
C VAL A 142 -7.84 7.71 8.61
N VAL A 143 -8.86 7.25 7.89
CA VAL A 143 -10.15 7.95 7.91
C VAL A 143 -10.72 7.97 9.32
N HIS A 144 -10.67 6.83 10.02
CA HIS A 144 -11.23 6.78 11.37
C HIS A 144 -10.54 7.75 12.30
N LYS A 145 -9.22 7.91 12.15
CA LYS A 145 -8.49 8.87 12.96
C LYS A 145 -8.93 10.30 12.62
N ALA A 146 -9.10 10.59 11.33
CA ALA A 146 -9.56 11.92 10.93
C ALA A 146 -10.88 12.27 11.61
N ALA A 147 -11.83 11.32 11.61
CA ALA A 147 -13.14 11.55 12.20
C ALA A 147 -13.05 12.08 13.62
N ASP A 148 -12.07 11.61 14.39
CA ASP A 148 -11.93 12.02 15.79
C ASP A 148 -11.19 13.34 15.95
N HIS A 149 -10.88 14.04 14.87
CA HIS A 149 -10.00 15.20 14.96
C HIS A 149 -10.44 16.31 14.00
N LEU A 150 -11.75 16.51 13.88
CA LEU A 150 -12.26 17.62 13.08
C LEU A 150 -11.99 18.98 13.73
N ASP A 151 -11.70 19.01 15.03
CA ASP A 151 -11.45 20.25 15.75
C ASP A 151 -9.99 20.44 16.14
N THR A 152 -9.10 19.50 15.79
CA THR A 152 -7.70 19.58 16.17
C THR A 152 -7.00 20.56 15.25
N VAL A 153 -6.98 21.84 15.64
CA VAL A 153 -6.37 22.87 14.82
C VAL A 153 -4.86 22.73 14.86
N MET A 154 -4.23 22.83 13.69
CA MET A 154 -2.78 22.75 13.57
C MET A 154 -2.38 23.40 12.26
N VAL A 155 -1.08 23.63 12.10
CA VAL A 155 -0.57 24.19 10.86
C VAL A 155 -0.32 23.08 9.86
N VAL A 156 -0.55 23.37 8.59
CA VAL A 156 -0.03 22.57 7.49
C VAL A 156 1.28 23.20 7.04
N TYR A 157 2.18 22.40 6.50
CA TYR A 157 3.48 22.87 6.05
C TYR A 157 3.58 22.81 4.54
N THR A 158 4.33 23.73 3.98
CA THR A 158 4.86 23.63 2.63
C THR A 158 6.34 23.92 2.69
N GLN A 159 7.13 23.09 2.04
CA GLN A 159 8.59 23.22 2.08
C GLN A 159 9.12 23.19 3.51
N ARG A 160 8.46 22.43 4.39
CA ARG A 160 8.89 22.30 5.78
C ARG A 160 8.90 23.66 6.48
N LYS A 161 7.92 24.50 6.15
CA LYS A 161 7.72 25.79 6.81
C LYS A 161 6.23 25.99 7.05
N GLU A 162 5.89 26.50 8.24
CA GLU A 162 4.48 26.67 8.59
C GLU A 162 3.79 27.55 7.54
N ALA A 163 2.68 27.04 7.01
CA ALA A 163 1.98 27.67 5.88
C ALA A 163 0.66 28.29 6.32
N GLN A 164 -0.33 27.49 6.69
CA GLN A 164 -1.65 27.99 7.01
C GLN A 164 -2.31 27.06 8.01
N PRO A 165 -3.32 27.54 8.74
CA PRO A 165 -4.00 26.67 9.71
C PRO A 165 -4.89 25.63 9.02
N ILE A 166 -4.89 24.43 9.58
CA ILE A 166 -5.75 23.34 9.14
C ILE A 166 -6.22 22.56 10.37
N THR A 167 -6.66 21.33 10.17
CA THR A 167 -6.90 20.40 11.25
C THR A 167 -6.25 19.07 10.92
N LEU A 168 -5.96 18.29 11.96
CA LEU A 168 -5.38 16.96 11.74
C LEU A 168 -6.30 16.11 10.90
N GLY A 169 -7.61 16.23 11.09
CA GLY A 169 -8.55 15.51 10.25
C GLY A 169 -8.39 15.86 8.78
N HIS A 170 -8.27 17.16 8.49
CA HIS A 170 -8.05 17.59 7.12
C HIS A 170 -6.81 16.94 6.52
N TYR A 171 -5.70 16.94 7.28
CA TYR A 171 -4.46 16.35 6.78
C TYR A 171 -4.66 14.87 6.45
N LEU A 172 -5.24 14.11 7.40
CA LEU A 172 -5.37 12.68 7.20
C LEU A 172 -6.23 12.34 5.99
N MET A 173 -7.17 13.22 5.62
CA MET A 173 -8.01 12.95 4.46
C MET A 173 -7.27 13.17 3.15
N ALA A 174 -6.15 13.89 3.17
CA ALA A 174 -5.25 13.88 2.02
C ALA A 174 -4.67 12.49 1.81
N ILE A 175 -4.29 11.82 2.91
CA ILE A 175 -3.80 10.45 2.83
C ILE A 175 -4.88 9.54 2.28
N SER A 176 -6.11 9.71 2.76
CA SER A 176 -7.22 8.87 2.28
C SER A 176 -7.36 8.98 0.77
N GLU A 177 -7.30 10.19 0.23
CA GLU A 177 -7.43 10.36 -1.21
C GLU A 177 -6.23 9.75 -1.94
N ASN A 178 -5.04 9.86 -1.35
CA ASN A 178 -3.87 9.18 -1.92
C ASN A 178 -4.07 7.68 -1.95
N LEU A 179 -4.56 7.11 -0.85
CA LEU A 179 -4.74 5.66 -0.78
C LEU A 179 -5.86 5.19 -1.69
N ALA A 180 -6.88 6.01 -1.90
CA ALA A 180 -7.96 5.62 -2.81
C ALA A 180 -7.42 5.35 -4.21
N LYS A 181 -6.57 6.26 -4.72
CA LYS A 181 -6.03 6.08 -6.06
C LYS A 181 -5.00 4.96 -6.12
N ASN A 182 -4.34 4.66 -5.01
CA ASN A 182 -3.44 3.50 -4.99
C ASN A 182 -4.23 2.20 -5.00
N LEU A 183 -5.37 2.18 -4.31
CA LEU A 183 -6.26 1.04 -4.42
C LEU A 183 -6.77 0.85 -5.85
N ASP A 184 -7.02 1.95 -6.56
CA ASP A 184 -7.37 1.85 -7.97
C ASP A 184 -6.24 1.22 -8.77
N ARG A 185 -5.00 1.67 -8.55
CA ARG A 185 -3.87 1.08 -9.24
C ARG A 185 -3.79 -0.43 -9.00
N TYR A 186 -3.99 -0.86 -7.75
CA TYR A 186 -3.89 -2.28 -7.44
C TYR A 186 -5.01 -3.06 -8.11
N ARG A 187 -6.25 -2.54 -8.08
CA ARG A 187 -7.34 -3.23 -8.74
C ARG A 187 -7.15 -3.28 -10.24
N GLU A 188 -6.56 -2.24 -10.82
CA GLU A 188 -6.28 -2.24 -12.25
C GLU A 188 -5.15 -3.21 -12.59
N LEU A 189 -4.17 -3.31 -11.71
CA LEU A 189 -3.11 -4.31 -11.88
C LEU A 189 -3.69 -5.72 -11.80
N TYR A 190 -4.62 -5.94 -10.86
CA TYR A 190 -5.19 -7.28 -10.67
C TYR A 190 -5.77 -7.83 -11.97
N ALA A 191 -6.48 -6.99 -12.72
CA ALA A 191 -7.11 -7.47 -13.95
C ALA A 191 -6.06 -7.93 -14.96
N ARG A 192 -4.87 -7.33 -14.94
CA ARG A 192 -3.83 -7.75 -15.87
C ARG A 192 -3.06 -8.96 -15.35
N ILE A 193 -2.99 -9.13 -14.02
CA ILE A 193 -2.38 -10.34 -13.47
C ILE A 193 -3.29 -11.54 -13.68
N ASN A 194 -4.59 -11.38 -13.42
CA ASN A 194 -5.50 -12.52 -13.36
C ASN A 194 -5.92 -12.98 -14.74
N LEU A 195 -4.95 -13.18 -15.63
CA LEU A 195 -5.18 -13.76 -16.94
C LEU A 195 -4.32 -15.03 -17.06
N CYS A 196 -4.90 -16.07 -17.64
CA CYS A 196 -4.26 -17.39 -17.62
C CYS A 196 -3.42 -17.58 -18.87
N PRO A 197 -2.12 -17.86 -18.74
CA PRO A 197 -1.30 -18.16 -19.93
C PRO A 197 -1.22 -19.64 -20.29
N LEU A 198 -1.82 -20.52 -19.49
CA LEU A 198 -1.72 -21.95 -19.75
C LEU A 198 -2.37 -22.29 -21.08
N GLY A 199 -1.73 -23.21 -21.81
CA GLY A 199 -2.03 -23.47 -23.20
C GLY A 199 -0.96 -22.95 -24.14
N ALA A 200 -0.18 -21.97 -23.71
CA ALA A 200 0.92 -21.45 -24.54
C ALA A 200 2.03 -22.49 -24.70
N ALA A 201 2.14 -23.42 -23.75
CA ALA A 201 3.18 -24.46 -23.79
C ALA A 201 4.53 -23.76 -23.82
N ALA A 202 5.46 -24.13 -24.70
CA ALA A 202 6.78 -23.50 -24.71
C ALA A 202 6.70 -22.04 -25.11
N THR A 203 5.78 -21.68 -26.01
CA THR A 203 5.63 -20.33 -26.53
C THR A 203 4.72 -20.31 -27.75
N ALA A 204 4.50 -21.48 -28.36
CA ALA A 204 3.77 -21.58 -29.63
C ALA A 204 2.50 -22.41 -29.53
N GLY A 205 2.11 -22.83 -28.34
CA GLY A 205 0.94 -23.68 -28.20
C GLY A 205 1.25 -25.15 -28.39
N THR A 206 0.30 -25.92 -28.92
CA THR A 206 0.48 -27.36 -29.05
C THR A 206 -0.55 -27.91 -30.02
N GLY A 207 -0.26 -29.10 -30.55
CA GLY A 207 -1.22 -29.79 -31.38
C GLY A 207 -2.31 -30.49 -30.59
N TRP A 208 -1.99 -30.91 -29.36
CA TRP A 208 -2.99 -31.50 -28.50
C TRP A 208 -4.16 -30.53 -28.33
N PRO A 209 -5.42 -30.97 -28.54
CA PRO A 209 -6.54 -30.00 -28.48
C PRO A 209 -6.99 -29.71 -27.05
N LEU A 210 -6.29 -28.79 -26.42
CA LEU A 210 -6.63 -28.38 -25.07
C LEU A 210 -7.84 -27.47 -25.07
N ASN A 211 -8.49 -27.38 -23.92
CA ASN A 211 -9.52 -26.37 -23.67
C ASN A 211 -8.89 -25.36 -22.73
N ARG A 212 -8.35 -24.29 -23.29
CA ARG A 212 -7.66 -23.29 -22.49
C ARG A 212 -8.60 -22.55 -21.55
N ASP A 213 -9.86 -22.40 -21.94
CA ASP A 213 -10.82 -21.74 -21.06
C ASP A 213 -11.12 -22.54 -19.82
N ARG A 214 -11.05 -23.87 -19.92
CA ARG A 214 -11.40 -24.72 -18.79
C ARG A 214 -10.30 -24.70 -17.74
N THR A 215 -9.05 -24.84 -18.16
CA THR A 215 -7.93 -24.72 -17.22
C THR A 215 -7.95 -23.35 -16.56
N SER A 216 -8.16 -22.29 -17.34
CA SER A 216 -8.19 -20.94 -16.79
C SER A 216 -9.29 -20.79 -15.74
N ALA A 217 -10.49 -21.29 -16.04
CA ALA A 217 -11.59 -21.18 -15.09
C ALA A 217 -11.30 -21.98 -13.82
N LEU A 218 -10.79 -23.20 -13.97
CA LEU A 218 -10.54 -24.05 -12.82
C LEU A 218 -9.54 -23.44 -11.85
N LEU A 219 -8.67 -22.55 -12.32
CA LEU A 219 -7.62 -21.96 -11.50
C LEU A 219 -7.94 -20.55 -11.04
N GLY A 220 -9.15 -20.05 -11.32
CA GLY A 220 -9.59 -18.78 -10.79
C GLY A 220 -9.30 -17.57 -11.66
N PHE A 221 -8.69 -17.76 -12.82
CA PHE A 221 -8.41 -16.62 -13.69
C PHE A 221 -9.71 -16.10 -14.29
N ASP A 222 -9.72 -14.79 -14.58
CA ASP A 222 -10.88 -14.11 -15.13
C ASP A 222 -10.81 -13.96 -16.64
N GLY A 223 -9.84 -14.59 -17.28
CA GLY A 223 -9.67 -14.45 -18.71
C GLY A 223 -8.34 -15.06 -19.12
N LEU A 224 -8.07 -15.00 -20.41
CA LEU A 224 -6.90 -15.65 -21.01
C LEU A 224 -5.87 -14.61 -21.42
N VAL A 225 -4.60 -14.98 -21.26
CA VAL A 225 -3.52 -14.40 -22.05
C VAL A 225 -3.55 -15.13 -23.39
N VAL A 226 -4.10 -14.48 -24.41
CA VAL A 226 -4.46 -15.18 -25.63
C VAL A 226 -3.22 -15.63 -26.39
N ASN A 227 -2.52 -14.69 -27.03
CA ASN A 227 -1.37 -15.06 -27.84
C ASN A 227 -0.37 -15.86 -27.01
N SER A 228 0.16 -16.93 -27.61
CA SER A 228 0.98 -17.87 -26.87
C SER A 228 2.36 -17.31 -26.56
N ILE A 229 2.90 -16.44 -27.42
CA ILE A 229 4.16 -15.77 -27.11
C ILE A 229 3.97 -14.84 -25.91
N GLU A 230 2.91 -14.04 -25.93
CA GLU A 230 2.60 -13.20 -24.77
C GLU A 230 2.44 -14.04 -23.51
N GLY A 231 2.00 -15.28 -23.65
CA GLY A 231 1.75 -16.11 -22.48
C GLY A 231 3.00 -16.41 -21.68
N VAL A 232 4.12 -16.66 -22.36
CA VAL A 232 5.36 -17.01 -21.69
C VAL A 232 6.34 -15.84 -21.65
N ALA A 233 6.25 -14.89 -22.57
CA ALA A 233 7.15 -13.75 -22.62
C ALA A 233 6.59 -12.52 -21.91
N GLY A 234 5.30 -12.50 -21.59
CA GLY A 234 4.72 -11.34 -20.94
C GLY A 234 5.19 -11.23 -19.50
N TRP A 235 5.64 -10.03 -19.12
CA TRP A 235 6.17 -9.77 -17.80
C TRP A 235 5.78 -8.41 -17.25
N ASP A 236 5.11 -7.57 -18.04
CA ASP A 236 4.79 -6.21 -17.61
C ASP A 236 4.02 -6.19 -16.30
N HIS A 237 3.16 -7.18 -16.06
CA HIS A 237 2.42 -7.25 -14.82
C HIS A 237 3.33 -7.37 -13.61
N VAL A 238 4.51 -7.98 -13.80
CA VAL A 238 5.49 -8.06 -12.72
C VAL A 238 6.12 -6.69 -12.48
N ALA A 239 6.56 -6.04 -13.56
CA ALA A 239 7.04 -4.67 -13.47
C ALA A 239 6.02 -3.76 -12.80
N GLU A 240 4.77 -3.83 -13.26
CA GLU A 240 3.73 -2.94 -12.73
C GLU A 240 3.47 -3.22 -11.25
N HIS A 241 3.49 -4.50 -10.87
CA HIS A 241 3.32 -4.83 -9.46
C HIS A 241 4.43 -4.20 -8.62
N ALA A 242 5.67 -4.28 -9.10
CA ALA A 242 6.76 -3.61 -8.41
C ALA A 242 6.54 -2.11 -8.35
N PHE A 243 6.04 -1.52 -9.43
CA PHE A 243 5.87 -0.07 -9.46
C PHE A 243 4.87 0.39 -8.42
N VAL A 244 3.65 -0.17 -8.45
CA VAL A 244 2.62 0.28 -7.53
C VAL A 244 3.10 0.13 -6.10
N ASN A 245 3.78 -0.97 -5.80
CA ASN A 245 4.38 -1.13 -4.48
C ASN A 245 5.28 0.06 -4.14
N ALA A 246 6.10 0.49 -5.10
CA ALA A 246 7.03 1.58 -4.83
C ALA A 246 6.31 2.92 -4.70
N VAL A 247 5.38 3.20 -5.62
CA VAL A 247 4.68 4.49 -5.57
C VAL A 247 3.82 4.57 -4.32
N PHE A 248 3.12 3.49 -3.98
CA PHE A 248 2.32 3.48 -2.75
C PHE A 248 3.20 3.69 -1.53
N LEU A 249 4.33 2.98 -1.48
CA LEU A 249 5.20 3.09 -0.31
C LEU A 249 5.84 4.47 -0.23
N SER A 250 6.05 5.14 -1.37
CA SER A 250 6.55 6.51 -1.33
C SER A 250 5.57 7.41 -0.59
N GLY A 251 4.27 7.23 -0.83
CA GLY A 251 3.28 7.96 -0.07
C GLY A 251 3.30 7.60 1.41
N LEU A 252 3.62 6.35 1.72
CA LEU A 252 3.73 5.94 3.11
C LEU A 252 4.99 6.50 3.76
N SER A 253 6.10 6.54 3.00
CA SER A 253 7.32 7.18 3.50
C SER A 253 7.05 8.63 3.84
N ARG A 254 6.31 9.34 3.00
CA ARG A 254 6.06 10.76 3.22
C ARG A 254 5.24 10.99 4.49
N LEU A 255 4.24 10.15 4.73
CA LEU A 255 3.50 10.24 5.99
C LEU A 255 4.41 9.94 7.18
N ALA A 256 5.17 8.85 7.10
CA ALA A 256 6.10 8.52 8.18
C ALA A 256 7.06 9.67 8.44
N SER A 257 7.55 10.32 7.38
CA SER A 257 8.47 11.43 7.56
C SER A 257 7.75 12.63 8.16
N GLU A 258 6.50 12.85 7.75
CA GLU A 258 5.71 13.94 8.32
C GLU A 258 5.52 13.75 9.82
N ILE A 259 5.06 12.57 10.22
CA ILE A 259 4.87 12.28 11.65
C ILE A 259 6.19 12.35 12.40
N GLN A 260 7.29 11.96 11.75
CA GLN A 260 8.59 12.00 12.41
C GLN A 260 9.00 13.44 12.72
N LEU A 261 8.65 14.37 11.84
CA LEU A 261 8.92 15.78 12.12
C LEU A 261 7.96 16.31 13.19
N TRP A 262 6.68 15.95 13.10
CA TRP A 262 5.73 16.29 14.15
C TRP A 262 6.27 15.88 15.52
N SER A 263 6.83 14.67 15.60
CA SER A 263 7.25 14.08 16.87
C SER A 263 8.69 14.40 17.23
N THR A 264 9.32 15.35 16.55
CA THR A 264 10.65 15.79 16.96
C THR A 264 10.58 16.46 18.33
N ASP A 265 11.73 16.51 19.01
CA ASP A 265 11.83 17.23 20.27
C ASP A 265 11.48 18.71 20.08
N GLU A 266 11.69 19.24 18.88
CA GLU A 266 11.52 20.67 18.62
C GLU A 266 10.08 21.02 18.23
N TYR A 267 9.48 20.28 17.30
CA TYR A 267 8.05 20.45 17.03
C TYR A 267 7.22 20.04 18.24
N GLN A 268 7.38 18.78 18.67
CA GLN A 268 6.52 18.12 19.64
C GLN A 268 5.06 18.55 19.51
N VAL A 269 4.51 18.44 18.29
CA VAL A 269 3.06 18.53 18.10
C VAL A 269 2.42 17.15 18.08
N ALA A 270 3.21 16.08 18.16
CA ALA A 270 2.69 14.73 18.20
C ALA A 270 3.69 13.85 18.92
N GLU A 271 3.21 12.71 19.42
CA GLU A 271 4.06 11.74 20.10
C GLU A 271 3.63 10.34 19.69
N LEU A 272 4.60 9.52 19.33
CA LEU A 272 4.30 8.12 19.03
C LEU A 272 3.87 7.41 20.29
N ASP A 273 2.89 6.49 20.14
CA ASP A 273 2.54 5.62 21.24
C ASP A 273 3.76 4.81 21.67
N ALA A 274 3.92 4.64 22.99
CA ALA A 274 5.07 3.92 23.51
C ALA A 274 5.29 2.59 22.78
N SER A 275 4.20 1.95 22.34
CA SER A 275 4.30 0.65 21.69
C SER A 275 4.81 0.72 20.25
N PHE A 276 5.05 1.92 19.73
CA PHE A 276 5.61 2.08 18.39
C PHE A 276 6.93 2.86 18.42
N ALA A 277 7.59 2.90 19.57
CA ALA A 277 8.86 3.59 19.71
C ALA A 277 9.84 2.72 20.47
N GLY A 278 11.12 3.00 20.27
CA GLY A 278 12.18 2.33 21.00
C GLY A 278 13.02 3.32 21.76
N THR A 279 14.22 2.92 22.16
CA THR A 279 15.12 3.83 22.86
C THR A 279 16.55 3.41 22.58
N SER A 280 17.49 4.13 23.18
CA SER A 280 18.91 3.93 22.94
C SER A 280 19.53 3.09 24.05
N SER A 281 20.54 2.31 23.67
CA SER A 281 21.32 1.54 24.64
C SER A 281 22.32 2.39 25.40
N ILE A 282 22.44 3.68 25.06
CA ILE A 282 23.44 4.55 25.65
C ILE A 282 22.79 5.85 26.15
N MET A 283 21.83 6.36 25.38
CA MET A 283 21.20 7.63 25.70
C MET A 283 19.84 7.38 26.34
N PRO A 284 19.67 7.58 27.65
CA PRO A 284 18.39 7.21 28.28
C PRO A 284 17.20 8.05 27.86
N GLN A 285 17.42 9.26 27.34
CA GLN A 285 16.29 10.14 27.04
C GLN A 285 15.56 9.77 25.75
N LYS A 286 16.17 8.92 24.92
CA LYS A 286 15.64 8.72 23.57
C LYS A 286 14.28 8.04 23.59
N LYS A 287 13.36 8.61 22.80
CA LYS A 287 12.15 7.92 22.40
C LYS A 287 12.21 7.88 20.87
N ASN A 288 12.73 6.75 20.33
CA ASN A 288 13.13 6.72 18.93
C ASN A 288 12.04 6.21 18.01
N PRO A 289 11.88 6.89 16.77
CA PRO A 289 10.85 6.47 15.81
C PRO A 289 11.29 5.28 14.97
N ASP A 290 11.62 4.17 15.63
CA ASP A 290 12.06 2.98 14.91
C ASP A 290 10.99 2.47 13.96
N SER A 291 9.73 2.54 14.38
CA SER A 291 8.64 2.12 13.49
C SER A 291 8.64 2.95 12.21
N LEU A 292 8.77 4.26 12.34
CA LEU A 292 8.73 5.13 11.18
C LEU A 292 9.91 4.89 10.26
N GLU A 293 11.12 4.83 10.81
CA GLU A 293 12.32 4.77 9.98
C GLU A 293 12.46 3.41 9.29
N ARG A 294 12.02 2.33 9.94
CA ARG A 294 12.05 1.03 9.28
C ARG A 294 10.94 0.92 8.24
N SER A 295 9.85 1.67 8.40
CA SER A 295 8.83 1.72 7.36
C SER A 295 9.35 2.45 6.13
N ARG A 296 10.07 3.56 6.34
CA ARG A 296 10.69 4.27 5.22
C ARG A 296 11.71 3.38 4.52
N LYS A 297 12.53 2.68 5.31
CA LYS A 297 13.52 1.76 4.75
C LYS A 297 12.89 0.83 3.74
N ALA A 298 11.73 0.25 4.08
CA ALA A 298 11.06 -0.67 3.17
C ALA A 298 10.62 0.06 1.90
N ALA A 299 10.23 1.33 2.02
CA ALA A 299 9.81 2.08 0.84
C ALA A 299 10.99 2.35 -0.08
N PHE A 300 12.16 2.69 0.48
CA PHE A 300 13.33 2.90 -0.36
C PHE A 300 13.74 1.60 -1.05
N ALA A 301 13.71 0.48 -0.32
CA ALA A 301 14.14 -0.78 -0.90
C ALA A 301 13.22 -1.22 -2.03
N ALA A 302 11.95 -0.83 -2.00
CA ALA A 302 10.99 -1.26 -3.01
C ALA A 302 11.32 -0.71 -4.40
N MET A 303 12.20 0.28 -4.49
CA MET A 303 12.65 0.73 -5.80
C MET A 303 13.62 -0.26 -6.44
N GLY A 304 14.22 -1.15 -5.65
CA GLY A 304 15.16 -2.11 -6.17
C GLY A 304 14.52 -3.09 -7.14
N PRO A 305 13.54 -3.85 -6.67
CA PRO A 305 12.85 -4.79 -7.58
C PRO A 305 12.34 -4.10 -8.84
N LEU A 306 11.75 -2.91 -8.69
CA LEU A 306 11.28 -2.15 -9.84
C LEU A 306 12.39 -1.97 -10.87
N VAL A 307 13.54 -1.48 -10.43
CA VAL A 307 14.64 -1.23 -11.37
C VAL A 307 15.18 -2.53 -11.94
N GLY A 308 15.35 -3.55 -11.10
CA GLY A 308 15.86 -4.82 -11.58
C GLY A 308 14.95 -5.44 -12.63
N ILE A 309 13.64 -5.41 -12.39
CA ILE A 309 12.69 -6.01 -13.32
C ILE A 309 12.74 -5.29 -14.66
N LEU A 310 12.77 -3.95 -14.64
CA LEU A 310 12.71 -3.20 -15.88
C LEU A 310 14.04 -3.27 -16.64
N THR A 311 15.16 -3.27 -15.92
CA THR A 311 16.44 -3.53 -16.57
C THR A 311 16.39 -4.85 -17.33
N SER A 312 15.77 -5.87 -16.73
CA SER A 312 15.80 -7.20 -17.32
C SER A 312 14.95 -7.27 -18.58
N LEU A 313 13.78 -6.61 -18.58
CA LEU A 313 12.96 -6.57 -19.78
C LEU A 313 13.63 -5.76 -20.89
N ASN A 314 14.30 -4.67 -20.52
CA ASN A 314 15.01 -3.86 -21.50
C ASN A 314 16.21 -4.58 -22.10
N ALA A 315 16.62 -5.73 -21.54
CA ALA A 315 17.86 -6.39 -21.91
C ALA A 315 17.66 -7.60 -22.81
N ILE A 316 16.43 -7.95 -23.15
CA ILE A 316 16.16 -9.19 -23.87
C ILE A 316 15.33 -8.93 -25.11
N GLU A 317 14.91 -10.00 -25.78
CA GLU A 317 13.95 -9.93 -26.86
C GLU A 317 12.55 -10.18 -26.28
N TYR A 318 11.54 -10.22 -27.14
CA TYR A 318 10.19 -10.53 -26.68
C TYR A 318 9.99 -12.05 -26.77
N GLN A 319 10.73 -12.73 -25.91
CA GLN A 319 10.76 -14.18 -25.83
C GLN A 319 10.54 -14.60 -24.38
N TYR A 320 10.28 -15.89 -24.19
CA TYR A 320 10.53 -16.46 -22.88
C TYR A 320 12.03 -16.38 -22.60
N SER A 321 12.38 -16.08 -21.35
CA SER A 321 13.78 -15.90 -21.00
C SER A 321 13.95 -16.12 -19.51
N ALA A 322 15.04 -16.80 -19.15
CA ALA A 322 15.35 -17.06 -17.75
C ALA A 322 16.17 -15.94 -17.13
N ALA A 323 16.41 -14.85 -17.86
CA ALA A 323 17.18 -13.73 -17.36
C ALA A 323 16.32 -12.65 -16.72
N ARG A 324 15.00 -12.82 -16.70
CA ARG A 324 14.11 -11.82 -16.15
C ARG A 324 14.10 -11.86 -14.63
N VAL A 325 14.05 -10.69 -14.03
CA VAL A 325 14.04 -10.55 -12.58
C VAL A 325 12.61 -10.64 -12.08
N GLU A 326 12.44 -11.23 -10.91
CA GLU A 326 11.13 -11.48 -10.33
C GLU A 326 10.82 -10.46 -9.24
N LEU A 327 9.54 -10.41 -8.87
CA LEU A 327 9.14 -9.77 -7.62
C LEU A 327 9.10 -10.85 -6.55
N GLU A 328 9.94 -10.70 -5.53
CA GLU A 328 10.18 -11.73 -4.54
C GLU A 328 9.18 -11.65 -3.39
N PRO A 329 8.88 -12.77 -2.73
CA PRO A 329 8.02 -12.71 -1.54
C PRO A 329 8.53 -11.76 -0.48
N ARG A 330 9.84 -11.77 -0.20
CA ARG A 330 10.38 -10.92 0.86
C ARG A 330 10.13 -9.44 0.57
N SER A 331 10.06 -9.06 -0.70
CA SER A 331 9.77 -7.67 -1.03
C SER A 331 8.33 -7.32 -0.67
N ILE A 332 7.38 -8.19 -1.03
CA ILE A 332 5.98 -7.97 -0.67
C ILE A 332 5.83 -7.99 0.84
N ASP A 333 6.50 -8.93 1.51
CA ASP A 333 6.39 -9.04 2.96
C ASP A 333 6.81 -7.74 3.65
N ALA A 334 7.87 -7.11 3.15
CA ALA A 334 8.30 -5.83 3.71
C ALA A 334 7.19 -4.79 3.58
N LEU A 335 6.59 -4.69 2.39
CA LEU A 335 5.48 -3.77 2.19
C LEU A 335 4.38 -4.00 3.22
N ILE A 336 3.98 -5.27 3.39
CA ILE A 336 2.90 -5.59 4.32
C ILE A 336 3.26 -5.17 5.73
N ALA A 337 4.48 -5.52 6.17
CA ALA A 337 4.91 -5.14 7.51
C ALA A 337 4.86 -3.63 7.68
N ALA A 338 5.27 -2.87 6.67
CA ALA A 338 5.30 -1.41 6.80
C ALA A 338 3.90 -0.83 6.80
N THR A 339 3.02 -1.34 5.92
CA THR A 339 1.63 -0.89 5.94
C THR A 339 1.00 -1.16 7.30
N HIS A 340 1.21 -2.36 7.85
CA HIS A 340 0.66 -2.68 9.16
C HIS A 340 1.23 -1.76 10.23
N ALA A 341 2.54 -1.52 10.20
CA ALA A 341 3.14 -0.64 11.19
C ALA A 341 2.52 0.76 11.15
N MET A 342 2.41 1.32 9.95
CA MET A 342 1.85 2.67 9.82
C MET A 342 0.35 2.68 10.13
N THR A 343 -0.36 1.59 9.83
CA THR A 343 -1.76 1.49 10.25
C THR A 343 -1.88 1.68 11.75
N GLY A 344 -0.97 1.06 12.52
CA GLY A 344 -1.00 1.21 13.96
C GLY A 344 -0.43 2.51 14.46
N VAL A 345 0.56 3.07 13.74
CA VAL A 345 1.09 4.37 14.09
C VAL A 345 -0.02 5.41 14.03
N VAL A 346 -0.76 5.45 12.91
CA VAL A 346 -1.85 6.40 12.75
C VAL A 346 -2.88 6.21 13.85
N ARG A 347 -3.30 4.96 14.08
CA ARG A 347 -4.37 4.70 15.04
C ARG A 347 -4.01 5.20 16.43
N THR A 348 -2.79 4.93 16.88
CA THR A 348 -2.38 5.21 18.24
C THR A 348 -1.60 6.50 18.38
N LEU A 349 -1.49 7.29 17.32
CA LEU A 349 -0.74 8.55 17.39
C LEU A 349 -1.37 9.48 18.42
N HIS A 350 -0.51 10.14 19.20
CA HIS A 350 -0.98 11.04 20.26
C HIS A 350 -0.67 12.49 19.88
N PRO A 351 -1.63 13.22 19.31
CA PRO A 351 -1.38 14.63 19.02
C PRO A 351 -1.44 15.47 20.28
N ASN A 352 -0.47 16.38 20.42
CA ASN A 352 -0.49 17.36 21.50
C ASN A 352 -1.36 18.52 21.04
N LYS A 353 -2.67 18.34 21.21
CA LYS A 353 -3.67 19.28 20.72
C LYS A 353 -3.34 20.72 21.11
N GLU A 354 -2.75 20.92 22.29
CA GLU A 354 -2.57 22.27 22.80
C GLU A 354 -1.41 22.98 22.12
N ARG A 355 -0.24 22.32 22.03
CA ARG A 355 0.88 22.94 21.34
C ARG A 355 0.60 23.12 19.86
N MET A 356 -0.25 22.24 19.29
CA MET A 356 -0.71 22.44 17.92
C MET A 356 -1.38 23.80 17.76
N ARG A 357 -2.33 24.11 18.64
CA ARG A 357 -3.01 25.39 18.57
C ARG A 357 -2.04 26.54 18.81
N GLN A 358 -1.17 26.40 19.81
CA GLN A 358 -0.19 27.44 20.10
C GLN A 358 0.56 27.85 18.83
N TYR A 359 1.09 26.88 18.10
CA TYR A 359 1.81 27.18 16.86
C TYR A 359 0.91 27.89 15.87
N ALA A 360 -0.32 27.39 15.69
CA ALA A 360 -1.24 27.99 14.73
C ALA A 360 -1.53 29.44 15.07
N ALA A 361 -1.53 29.80 16.36
CA ALA A 361 -1.91 31.14 16.80
C ALA A 361 -0.74 32.08 16.93
N GLU A 362 0.48 31.57 17.10
CA GLU A 362 1.62 32.40 17.42
C GLU A 362 2.65 32.55 16.30
N ASN A 363 2.70 31.61 15.36
CA ASN A 363 3.82 31.54 14.43
C ASN A 363 3.49 32.04 13.02
N TYR A 364 2.50 32.93 12.90
CA TYR A 364 2.26 33.73 11.70
C TYR A 364 1.70 32.93 10.53
N SER A 365 1.18 31.72 10.75
CA SER A 365 0.54 31.03 9.63
C SER A 365 -0.80 31.65 9.26
N THR A 366 -1.27 32.63 10.02
CA THR A 366 -2.56 33.26 9.78
C THR A 366 -2.45 34.55 8.97
N MET A 367 -1.26 34.85 8.42
CA MET A 367 -1.07 36.13 7.74
C MET A 367 -1.79 36.19 6.40
N THR A 368 -2.10 35.04 5.79
CA THR A 368 -2.86 35.07 4.54
C THR A 368 -4.24 35.66 4.77
N ASP A 369 -4.93 35.21 5.83
CA ASP A 369 -6.25 35.76 6.13
C ASP A 369 -6.18 37.24 6.46
N LEU A 370 -5.12 37.68 7.11
CA LEU A 370 -4.92 39.11 7.31
C LEU A 370 -4.83 39.82 5.96
N THR A 371 -4.05 39.27 5.03
CA THR A 371 -3.92 39.87 3.71
C THR A 371 -5.26 39.86 2.98
N ASP A 372 -5.90 38.69 2.91
CA ASP A 372 -7.21 38.60 2.25
C ASP A 372 -8.19 39.61 2.82
N MET A 373 -8.11 39.89 4.12
CA MET A 373 -9.06 40.79 4.74
C MET A 373 -8.88 42.22 4.23
N LEU A 374 -7.64 42.70 4.17
CA LEU A 374 -7.37 44.02 3.61
C LEU A 374 -7.95 44.12 2.20
N VAL A 375 -7.70 43.12 1.37
CA VAL A 375 -8.19 43.15 0.00
C VAL A 375 -9.72 43.17 -0.03
N ARG A 376 -10.36 42.37 0.83
CA ARG A 376 -11.81 42.29 0.83
C ARG A 376 -12.49 43.52 1.44
N ARG A 377 -11.78 44.27 2.29
CA ARG A 377 -12.39 45.37 3.02
C ARG A 377 -12.11 46.74 2.42
N VAL A 378 -10.87 47.01 2.00
CA VAL A 378 -10.53 48.30 1.40
C VAL A 378 -10.31 48.20 -0.10
N GLY A 379 -10.27 47.00 -0.67
CA GLY A 379 -10.25 46.83 -2.10
C GLY A 379 -8.88 46.92 -2.75
N ILE A 380 -7.80 47.12 -1.99
CA ILE A 380 -6.48 47.10 -2.62
C ILE A 380 -6.23 45.72 -3.22
N ASP A 381 -5.30 45.67 -4.18
CA ASP A 381 -4.98 44.42 -4.84
C ASP A 381 -4.10 43.55 -3.95
N TYR A 382 -4.00 42.27 -4.31
CA TYR A 382 -3.34 41.32 -3.43
C TYR A 382 -1.86 41.64 -3.27
N ARG A 383 -1.18 41.98 -4.37
CA ARG A 383 0.27 42.14 -4.30
C ARG A 383 0.67 43.26 -3.35
N GLU A 384 -0.13 44.33 -3.27
CA GLU A 384 0.22 45.44 -2.38
C GLU A 384 -0.06 45.10 -0.93
N ALA A 385 -1.24 44.55 -0.65
CA ALA A 385 -1.54 44.07 0.70
C ALA A 385 -0.47 43.09 1.17
N HIS A 386 -0.04 42.19 0.27
CA HIS A 386 1.02 41.24 0.61
C HIS A 386 2.24 41.95 1.17
N GLU A 387 2.66 43.03 0.52
CA GLU A 387 3.85 43.75 0.97
C GLU A 387 3.63 44.39 2.32
N ILE A 388 2.41 44.86 2.60
CA ILE A 388 2.11 45.42 3.92
C ILE A 388 2.23 44.33 4.99
N VAL A 389 1.50 43.23 4.80
CA VAL A 389 1.50 42.17 5.80
C VAL A 389 2.88 41.53 5.93
N ALA A 390 3.63 41.47 4.83
CA ALA A 390 4.99 40.94 4.90
C ALA A 390 5.84 41.77 5.86
N HIS A 391 5.80 43.10 5.71
CA HIS A 391 6.57 43.97 6.59
C HIS A 391 6.02 43.95 8.01
N VAL A 392 4.73 43.66 8.18
CA VAL A 392 4.18 43.43 9.51
C VAL A 392 4.90 42.26 10.18
N VAL A 393 5.10 41.18 9.44
CA VAL A 393 5.80 40.01 9.99
C VAL A 393 7.25 40.34 10.27
N ILE A 394 7.93 41.00 9.33
CA ILE A 394 9.31 41.42 9.54
C ILE A 394 9.41 42.20 10.85
N THR A 395 8.50 43.15 11.04
CA THR A 395 8.53 43.99 12.23
C THR A 395 8.18 43.18 13.49
N ALA A 396 7.12 42.37 13.40
CA ALA A 396 6.70 41.60 14.58
C ALA A 396 7.81 40.70 15.09
N ILE A 397 8.57 40.09 14.18
CA ILE A 397 9.67 39.23 14.59
C ILE A 397 10.76 40.05 15.28
N GLU A 398 11.21 41.12 14.63
CA GLU A 398 12.21 41.99 15.24
C GLU A 398 11.84 42.36 16.68
N LYS A 399 10.56 42.66 16.91
CA LYS A 399 10.10 43.14 18.20
C LYS A 399 9.60 42.03 19.12
N GLY A 400 9.58 40.78 18.67
CA GLY A 400 9.22 39.67 19.51
C GLY A 400 7.73 39.51 19.74
N ILE A 401 6.91 40.01 18.83
CA ILE A 401 5.45 39.98 18.98
C ILE A 401 4.92 38.79 18.20
N LYS A 402 4.31 37.84 18.91
CA LYS A 402 3.74 36.68 18.26
C LYS A 402 2.50 37.09 17.46
N ALA A 403 2.10 36.22 16.53
CA ALA A 403 1.01 36.55 15.62
C ALA A 403 -0.24 36.98 16.38
N ASN A 404 -0.65 36.19 17.38
CA ASN A 404 -1.89 36.47 18.10
C ASN A 404 -1.82 37.73 18.96
N LYS A 405 -0.66 38.39 19.04
CA LYS A 405 -0.53 39.65 19.76
C LYS A 405 -0.46 40.86 18.82
N ILE A 406 -0.50 40.65 17.51
CA ILE A 406 -0.39 41.74 16.57
C ILE A 406 -1.65 42.58 16.62
N GLY A 407 -1.48 43.91 16.66
CA GLY A 407 -2.56 44.83 16.91
C GLY A 407 -2.79 45.80 15.75
N LEU A 408 -3.78 46.67 15.97
CA LEU A 408 -4.06 47.73 15.00
C LEU A 408 -2.88 48.66 14.84
N ASP A 409 -2.22 48.99 15.96
CA ASP A 409 -0.98 49.77 15.93
C ASP A 409 -0.04 49.27 14.84
N LEU A 410 0.32 47.98 14.90
CA LEU A 410 1.38 47.48 14.04
C LEU A 410 0.95 47.45 12.57
N VAL A 411 -0.31 47.10 12.30
CA VAL A 411 -0.77 47.06 10.92
C VAL A 411 -0.76 48.45 10.31
N GLN A 412 -1.05 49.47 11.10
CA GLN A 412 -1.02 50.84 10.59
C GLN A 412 0.42 51.32 10.40
N GLU A 413 1.30 51.03 11.36
CA GLU A 413 2.72 51.34 11.17
C GLU A 413 3.21 50.82 9.83
N ALA A 414 2.95 49.55 9.54
CA ALA A 414 3.48 48.92 8.34
C ALA A 414 2.85 49.53 7.09
N ALA A 415 1.52 49.65 7.07
CA ALA A 415 0.85 50.26 5.93
C ALA A 415 1.40 51.65 5.64
N VAL A 416 1.71 52.42 6.68
CA VAL A 416 2.26 53.75 6.49
C VAL A 416 3.70 53.66 6.00
N ALA A 417 4.55 52.95 6.75
CA ALA A 417 5.96 52.85 6.39
C ALA A 417 6.17 52.27 5.00
N GLN A 418 5.17 51.58 4.45
CA GLN A 418 5.31 50.91 3.16
C GLN A 418 4.54 51.60 2.04
N THR A 419 3.62 52.50 2.36
CA THR A 419 2.82 53.19 1.34
C THR A 419 2.56 54.65 1.65
N GLY A 420 2.82 55.13 2.87
CA GLY A 420 2.38 56.44 3.29
C GLY A 420 0.91 56.54 3.63
N ALA A 421 0.12 55.55 3.25
CA ALA A 421 -1.30 55.52 3.56
C ALA A 421 -1.54 54.68 4.81
N GLY A 422 -2.53 55.09 5.59
CA GLY A 422 -3.16 54.21 6.54
C GLY A 422 -4.14 53.32 5.82
N ILE A 423 -4.92 52.56 6.60
CA ILE A 423 -5.84 51.61 5.98
C ILE A 423 -7.01 51.38 6.93
N ASN A 424 -8.19 51.20 6.33
CA ASN A 424 -9.48 51.32 7.02
C ASN A 424 -9.93 49.96 7.51
N VAL A 425 -9.49 49.59 8.72
CA VAL A 425 -9.90 48.34 9.35
C VAL A 425 -9.86 48.53 10.87
N SER A 426 -10.82 47.90 11.55
CA SER A 426 -10.92 47.97 13.00
C SER A 426 -9.99 46.95 13.65
N ALA A 427 -9.76 47.14 14.95
CA ALA A 427 -9.05 46.15 15.73
C ALA A 427 -9.80 44.82 15.78
N ASP A 428 -11.12 44.84 15.55
CA ASP A 428 -11.89 43.61 15.51
C ASP A 428 -11.63 42.86 14.22
N ASP A 429 -11.65 43.56 13.09
CA ASP A 429 -11.32 42.93 11.81
C ASP A 429 -10.00 42.17 11.89
N ILE A 430 -8.98 42.80 12.48
CA ILE A 430 -7.67 42.19 12.58
C ILE A 430 -7.71 40.98 13.50
N LYS A 431 -8.16 41.18 14.74
CA LYS A 431 -8.23 40.10 15.71
C LYS A 431 -8.89 38.85 15.11
N ASP A 432 -9.98 39.03 14.37
CA ASP A 432 -10.67 37.89 13.78
C ASP A 432 -9.86 37.28 12.65
N ALA A 433 -9.16 38.12 11.87
CA ALA A 433 -8.33 37.60 10.78
C ALA A 433 -7.17 36.76 11.32
N LEU A 434 -6.69 37.06 12.52
CA LEU A 434 -5.58 36.34 13.11
C LEU A 434 -6.00 35.18 13.99
N ASP A 435 -7.30 34.87 14.05
CA ASP A 435 -7.78 33.76 14.86
C ASP A 435 -7.62 32.47 14.07
N PRO A 436 -6.76 31.54 14.52
CA PRO A 436 -6.53 30.32 13.70
C PRO A 436 -7.78 29.50 13.47
N TRP A 437 -8.65 29.37 14.48
CA TRP A 437 -9.88 28.61 14.27
C TRP A 437 -10.78 29.29 13.25
N GLN A 438 -10.75 30.63 13.20
CA GLN A 438 -11.53 31.33 12.18
C GLN A 438 -10.91 31.16 10.80
N ASN A 439 -9.57 31.06 10.72
CA ASN A 439 -8.93 30.68 9.47
C ASN A 439 -9.49 29.35 8.97
N VAL A 440 -9.66 28.38 9.87
CA VAL A 440 -10.17 27.07 9.49
C VAL A 440 -11.60 27.18 8.98
N LEU A 441 -12.45 27.87 9.75
CA LEU A 441 -13.88 27.91 9.41
C LEU A 441 -14.13 28.64 8.10
N ARG A 442 -13.32 29.65 7.78
CA ARG A 442 -13.49 30.37 6.53
C ARG A 442 -13.13 29.52 5.32
N ARG A 443 -12.28 28.51 5.50
CA ARG A 443 -11.88 27.61 4.43
C ARG A 443 -12.87 26.44 4.40
N GLU A 444 -14.02 26.69 3.79
CA GLU A 444 -15.15 25.75 3.81
C GLU A 444 -15.50 25.22 2.44
N GLY A 445 -14.73 25.54 1.40
CA GLY A 445 -14.94 24.95 0.10
C GLY A 445 -14.61 23.46 0.10
N LYS A 446 -14.81 22.84 -1.07
CA LYS A 446 -14.60 21.41 -1.19
C LYS A 446 -13.13 21.07 -0.99
N GLY A 447 -12.86 20.22 0.00
CA GLY A 447 -11.51 19.76 0.26
C GLY A 447 -10.69 20.62 1.19
N MET A 448 -11.33 21.47 1.97
CA MET A 448 -10.66 22.44 2.84
C MET A 448 -10.90 22.09 4.30
N PRO A 449 -10.10 22.66 5.21
CA PRO A 449 -10.07 22.13 6.60
C PRO A 449 -11.30 22.41 7.44
N ALA A 450 -12.30 23.14 6.95
CA ALA A 450 -13.46 23.40 7.79
C ALA A 450 -14.12 22.09 8.20
N PRO A 451 -14.54 21.95 9.47
CA PRO A 451 -15.17 20.67 9.89
C PRO A 451 -16.29 20.21 8.98
N MET A 452 -17.22 21.09 8.62
CA MET A 452 -18.30 20.70 7.71
C MET A 452 -17.75 20.17 6.40
N SER A 453 -16.59 20.67 5.97
CA SER A 453 -16.01 20.26 4.70
C SER A 453 -15.25 18.94 4.82
N VAL A 454 -14.50 18.78 5.91
CA VAL A 454 -13.76 17.53 6.12
C VAL A 454 -14.73 16.38 6.39
N LYS A 455 -15.78 16.63 7.19
CA LYS A 455 -16.79 15.61 7.43
C LYS A 455 -17.39 15.11 6.12
N ALA A 456 -17.52 15.98 5.12
CA ALA A 456 -18.02 15.54 3.82
C ALA A 456 -17.00 14.66 3.12
N SER A 457 -15.72 15.01 3.20
CA SER A 457 -14.65 14.12 2.74
C SER A 457 -14.78 12.75 3.38
N ILE A 458 -14.97 12.74 4.71
CA ILE A 458 -15.04 11.47 5.45
C ILE A 458 -16.25 10.66 5.00
N ASP A 459 -17.39 11.32 4.80
CA ASP A 459 -18.60 10.61 4.38
C ASP A 459 -18.40 9.93 3.04
N ASP A 460 -17.76 10.62 2.09
CA ASP A 460 -17.49 10.00 0.79
C ASP A 460 -16.47 8.88 0.92
N ALA A 461 -15.45 9.07 1.77
CA ALA A 461 -14.43 8.05 1.95
C ALA A 461 -15.03 6.78 2.55
N MET A 462 -15.91 6.93 3.55
CA MET A 462 -16.55 5.77 4.14
C MET A 462 -17.29 4.95 3.08
N ALA A 463 -17.97 5.63 2.16
CA ALA A 463 -18.70 4.92 1.11
C ALA A 463 -17.73 4.26 0.13
N GLU A 464 -16.63 4.94 -0.21
CA GLU A 464 -15.63 4.33 -1.06
C GLU A 464 -14.98 3.13 -0.37
N LEU A 465 -14.71 3.25 0.93
CA LEU A 465 -14.16 2.12 1.68
C LEU A 465 -15.13 0.95 1.68
N HIS A 466 -16.43 1.22 1.89
CA HIS A 466 -17.42 0.16 1.76
C HIS A 466 -17.31 -0.53 0.40
N LYS A 467 -17.11 0.25 -0.64
CA LYS A 467 -17.00 -0.33 -1.98
C LYS A 467 -15.68 -1.08 -2.16
N ASP A 468 -14.59 -0.55 -1.59
CA ASP A 468 -13.31 -1.25 -1.63
C ASP A 468 -13.43 -2.64 -1.02
N ARG A 469 -14.08 -2.74 0.14
CA ARG A 469 -14.25 -4.05 0.78
C ARG A 469 -15.11 -4.97 -0.08
N ALA A 470 -16.16 -4.43 -0.70
CA ALA A 470 -17.01 -5.24 -1.56
C ALA A 470 -16.19 -5.82 -2.72
N TRP A 471 -15.39 -4.98 -3.37
CA TRP A 471 -14.55 -5.47 -4.46
C TRP A 471 -13.62 -6.58 -3.98
N LEU A 472 -12.97 -6.37 -2.83
CA LEU A 472 -12.06 -7.40 -2.31
C LEU A 472 -12.81 -8.68 -1.96
N ALA A 473 -13.95 -8.56 -1.30
CA ALA A 473 -14.73 -9.74 -0.94
C ALA A 473 -15.12 -10.54 -2.18
N ASN A 474 -15.49 -9.84 -3.26
CA ASN A 474 -15.89 -10.54 -4.48
C ASN A 474 -14.71 -11.24 -5.13
N ALA A 475 -13.55 -10.57 -5.19
CA ALA A 475 -12.38 -11.19 -5.81
C ALA A 475 -11.89 -12.38 -5.01
N THR A 476 -12.00 -12.34 -3.68
CA THR A 476 -11.60 -13.47 -2.86
C THR A 476 -12.57 -14.64 -3.04
N GLN A 477 -13.87 -14.35 -3.01
CA GLN A 477 -14.86 -15.41 -3.15
C GLN A 477 -14.74 -16.10 -4.50
N ALA A 478 -14.44 -15.33 -5.56
CA ALA A 478 -14.24 -15.93 -6.88
C ALA A 478 -13.15 -16.98 -6.84
N LEU A 479 -12.01 -16.66 -6.23
CA LEU A 479 -10.91 -17.61 -6.19
C LEU A 479 -11.26 -18.83 -5.34
N ALA A 480 -11.95 -18.63 -4.23
CA ALA A 480 -12.34 -19.75 -3.39
C ALA A 480 -13.33 -20.67 -4.09
N ASN A 481 -14.28 -20.10 -4.82
CA ASN A 481 -15.22 -20.91 -5.57
C ASN A 481 -14.50 -21.79 -6.60
N ALA A 482 -13.58 -21.19 -7.36
CA ALA A 482 -12.84 -21.96 -8.35
C ALA A 482 -11.92 -22.98 -7.71
N LYS A 483 -11.36 -22.66 -6.53
CA LYS A 483 -10.53 -23.64 -5.84
C LYS A 483 -11.36 -24.81 -5.35
N GLN A 484 -12.64 -24.59 -5.03
CA GLN A 484 -13.51 -25.68 -4.62
C GLN A 484 -14.00 -26.47 -5.83
N THR A 485 -14.37 -25.78 -6.90
CA THR A 485 -14.76 -26.46 -8.14
C THR A 485 -13.67 -27.43 -8.59
N LEU A 486 -12.41 -27.02 -8.44
CA LEU A 486 -11.30 -27.87 -8.86
C LEU A 486 -11.12 -29.05 -7.90
N ALA A 487 -11.27 -28.80 -6.59
CA ALA A 487 -11.19 -29.90 -5.63
C ALA A 487 -12.27 -30.94 -5.87
N ASP A 488 -13.47 -30.50 -6.24
CA ASP A 488 -14.56 -31.44 -6.51
C ASP A 488 -14.32 -32.21 -7.80
N SER A 489 -13.87 -31.53 -8.86
CA SER A 489 -13.55 -32.21 -10.11
C SER A 489 -12.54 -33.32 -9.88
N VAL A 490 -11.54 -33.08 -9.02
CA VAL A 490 -10.51 -34.09 -8.76
C VAL A 490 -11.10 -35.27 -8.01
N GLN A 491 -11.80 -35.00 -6.90
CA GLN A 491 -12.42 -36.08 -6.14
C GLN A 491 -13.27 -36.97 -7.04
N GLN A 492 -14.05 -36.37 -7.94
CA GLN A 492 -14.97 -37.14 -8.78
C GLN A 492 -14.21 -38.07 -9.71
N ILE A 493 -13.12 -37.59 -10.31
CA ILE A 493 -12.33 -38.46 -11.16
C ILE A 493 -11.63 -39.54 -10.34
N ILE A 494 -11.27 -39.24 -9.09
CA ILE A 494 -10.66 -40.26 -8.24
C ILE A 494 -11.72 -41.27 -7.79
N GLN A 495 -12.94 -40.81 -7.51
CA GLN A 495 -14.04 -41.72 -7.17
C GLN A 495 -14.51 -42.50 -8.38
N THR A 496 -14.71 -41.82 -9.52
CA THR A 496 -15.20 -42.49 -10.71
C THR A 496 -14.37 -43.72 -11.05
N ASP A 497 -13.04 -43.61 -10.96
CA ASP A 497 -12.17 -44.73 -11.30
C ASP A 497 -12.29 -45.85 -10.28
N ARG A 498 -12.16 -45.51 -9.00
CA ARG A 498 -12.13 -46.54 -7.95
C ARG A 498 -13.40 -47.38 -7.94
N LYS A 499 -14.52 -46.83 -8.42
CA LYS A 499 -15.78 -47.53 -8.42
C LYS A 499 -16.15 -48.12 -9.78
N TYR A 500 -15.20 -48.15 -10.72
CA TYR A 500 -15.47 -48.70 -12.04
C TYR A 500 -14.19 -49.21 -12.68
#